data_2ODP
#
_entry.id   2ODP
#
_cell.length_a   51.398
_cell.length_b   83.819
_cell.length_c   75.243
_cell.angle_alpha   90.000
_cell.angle_beta   92.100
_cell.angle_gamma   90.000
#
_symmetry.space_group_name_H-M   'P 1 21 1'
#
loop_
_entity.id
_entity.type
_entity.pdbx_description
1 polymer 'Complement C2'
2 branched 2-acetamido-2-deoxy-beta-D-glucopyranose-(1-3)-[2-acetamido-2-deoxy-beta-D-glucopyranose-(1-4)]2-acetamido-2-deoxy-beta-D-glucopyranose
3 branched 2-acetamido-2-deoxy-beta-D-glucopyranose-(1-4)-2-acetamido-2-deoxy-beta-D-glucopyranose-(1-4)-2-acetamido-2-deoxy-beta-D-glucopyranose
4 non-polymer 2-acetamido-2-deoxy-beta-D-glucopyranose
5 non-polymer 'MAGNESIUM ION'
6 water water
#
_entity_poly.entity_id   1
_entity_poly.type   'polypeptide(L)'
_entity_poly.pdbx_seq_one_letter_code
;KIQIQRSGHLNLYLLLDASQSVSENDFLIFKESASLMVDRIFSFEINVSVAIITFASEPKVLMSVLNDNSRDMTEVISSL
ENANYKDHENGTGTNTYAALNSVYLMMNNQMRLLGMETMAWQEIRHAIILLTDGKSNMGGSPKTAVDHIREILNINQKRN
DYLDIYAIGVGKLDVDWRELNELGSKKDGERHAFILQDTKALHQVFEHMLDVSKLTDTICGVGNMSANASDQERTPWHVT
IKPKSQETCRGALISDQWVLTAAHCFRDGNDHSLWRVNVGDPKSQWGKEFLIEKAVISPGFDVFAKKNQGILEFYGDDIA
LLKLAQKVKMSTHARPICLPCTMEANLALRRPQGSTCRDHENELLNKQSVPAHFVALNGSKLNINLKMGVEWTSCAEVVS
QEKTMFPNLTDVREVVTDQFLCSGTQEDESPCKGESGGAVFLERRFRFFQVGLVSWGLYNPCLGSADKNSRKRAPRSKVP
PPRDFHINLFRMQPWLRQHLGDVLNFLPL
;
_entity_poly.pdbx_strand_id   A
#
loop_
_chem_comp.id
_chem_comp.type
_chem_comp.name
_chem_comp.formula
MG non-polymer 'MAGNESIUM ION' 'Mg 2'
NAG D-saccharide, beta linking 2-acetamido-2-deoxy-beta-D-glucopyranose 'C8 H15 N O6'
#
# COMPACT_ATOMS: atom_id res chain seq x y z
N LYS A 1 -13.15 -13.53 -6.95
CA LYS A 1 -12.06 -12.64 -6.41
C LYS A 1 -11.68 -13.10 -5.01
N ILE A 2 -10.47 -12.77 -4.59
CA ILE A 2 -10.08 -12.99 -3.21
C ILE A 2 -10.59 -11.80 -2.37
N GLN A 3 -11.51 -12.10 -1.46
CA GLN A 3 -12.12 -11.02 -0.69
C GLN A 3 -11.33 -10.63 0.53
N ILE A 4 -11.18 -9.33 0.69
CA ILE A 4 -10.41 -8.74 1.80
C ILE A 4 -11.46 -8.03 2.66
N GLN A 5 -11.76 -8.61 3.82
CA GLN A 5 -12.85 -8.11 4.65
C GLN A 5 -12.60 -8.52 6.08
N ARG A 6 -13.40 -7.93 6.98
CA ARG A 6 -13.25 -8.18 8.42
C ARG A 6 -13.94 -9.45 8.90
N SER A 7 -15.08 -9.79 8.32
CA SER A 7 -15.80 -10.96 8.82
C SER A 7 -15.15 -12.24 8.25
N GLY A 8 -15.01 -13.25 9.11
CA GLY A 8 -14.59 -14.59 8.65
C GLY A 8 -13.10 -14.85 8.62
N HIS A 9 -12.71 -15.74 7.72
CA HIS A 9 -11.33 -16.13 7.62
C HIS A 9 -11.05 -16.50 6.16
N LEU A 10 -9.81 -16.23 5.74
CA LEU A 10 -9.36 -16.57 4.39
C LEU A 10 -8.24 -17.61 4.51
N ASN A 11 -8.39 -18.75 3.84
CA ASN A 11 -7.29 -19.71 3.67
C ASN A 11 -6.82 -19.53 2.23
N LEU A 12 -5.53 -19.21 2.08
CA LEU A 12 -4.92 -19.13 0.77
C LEU A 12 -3.96 -20.32 0.57
N TYR A 13 -4.09 -21.07 -0.51
CA TYR A 13 -3.21 -22.22 -0.73
C TYR A 13 -2.36 -21.96 -1.97
N LEU A 14 -1.04 -21.89 -1.79
CA LEU A 14 -0.14 -21.57 -2.89
C LEU A 14 0.57 -22.84 -3.36
N LEU A 15 0.25 -23.26 -4.59
CA LEU A 15 0.73 -24.51 -5.19
C LEU A 15 1.75 -24.20 -6.26
N LEU A 16 3.01 -24.54 -5.97
CA LEU A 16 4.14 -24.22 -6.85
C LEU A 16 4.68 -25.46 -7.59
N ASP A 17 4.61 -25.42 -8.91
CA ASP A 17 5.00 -26.48 -9.82
C ASP A 17 6.53 -26.53 -9.86
N ALA A 18 7.05 -27.64 -9.38
CA ALA A 18 8.49 -27.91 -9.36
C ALA A 18 8.85 -29.10 -10.26
N SER A 19 8.00 -29.35 -11.25
CA SER A 19 8.23 -30.39 -12.24
C SER A 19 9.39 -30.01 -13.18
N GLN A 20 9.86 -31.01 -13.94
CA GLN A 20 10.99 -30.82 -14.86
C GLN A 20 10.75 -29.75 -15.93
N SER A 21 9.54 -29.61 -16.42
CA SER A 21 9.22 -28.59 -17.42
C SER A 21 9.43 -27.13 -16.91
N VAL A 22 9.58 -26.98 -15.59
CA VAL A 22 9.82 -25.69 -14.96
C VAL A 22 11.30 -25.73 -14.51
N SER A 23 12.15 -24.86 -15.06
CA SER A 23 13.56 -24.85 -14.65
C SER A 23 13.71 -24.34 -13.22
N GLU A 24 14.88 -24.55 -12.62
CA GLU A 24 15.16 -24.01 -11.30
C GLU A 24 14.98 -22.49 -11.26
N ASN A 25 15.27 -21.82 -12.38
CA ASN A 25 15.16 -20.37 -12.45
C ASN A 25 13.70 -19.92 -12.53
N ASP A 26 12.88 -20.64 -13.31
CA ASP A 26 11.41 -20.47 -13.30
C ASP A 26 10.82 -20.61 -11.89
N PHE A 27 11.25 -21.65 -11.18
CA PHE A 27 10.77 -21.91 -9.84
C PHE A 27 11.08 -20.74 -8.90
N LEU A 28 12.28 -20.15 -9.06
CA LEU A 28 12.61 -18.97 -8.25
C LEU A 28 11.63 -17.82 -8.52
N ILE A 29 11.26 -17.63 -9.79
CA ILE A 29 10.26 -16.62 -10.15
C ILE A 29 8.90 -16.97 -9.49
N PHE A 30 8.53 -18.25 -9.53
CA PHE A 30 7.35 -18.69 -8.75
C PHE A 30 7.47 -18.33 -7.27
N LYS A 31 8.62 -18.57 -6.66
CA LYS A 31 8.80 -18.27 -5.24
C LYS A 31 8.71 -16.74 -4.98
N GLU A 32 9.27 -15.96 -5.89
CA GLU A 32 9.22 -14.49 -5.83
C GLU A 32 7.77 -13.98 -5.92
N SER A 33 7.03 -14.53 -6.87
CA SER A 33 5.61 -14.18 -7.03
C SER A 33 4.78 -14.56 -5.80
N ALA A 34 4.98 -15.79 -5.31
CA ALA A 34 4.31 -16.26 -4.09
C ALA A 34 4.62 -15.37 -2.88
N SER A 35 5.90 -15.02 -2.66
CA SER A 35 6.29 -14.10 -1.59
C SER A 35 5.57 -12.71 -1.66
N LEU A 36 5.53 -12.15 -2.84
CA LEU A 36 4.80 -10.89 -3.05
C LEU A 36 3.34 -11.04 -2.70
N MET A 37 2.71 -12.17 -3.10
CA MET A 37 1.28 -12.31 -2.85
C MET A 37 1.04 -12.45 -1.36
N VAL A 38 1.91 -13.20 -0.69
CA VAL A 38 1.85 -13.30 0.78
C VAL A 38 2.03 -11.91 1.45
N ASP A 39 3.06 -11.22 1.05
CA ASP A 39 3.34 -9.88 1.61
C ASP A 39 2.11 -8.96 1.44
N ARG A 40 1.53 -8.97 0.24
CA ARG A 40 0.36 -8.14 -0.06
C ARG A 40 -0.87 -8.56 0.75
N ILE A 41 -1.13 -9.84 0.77
CA ILE A 41 -2.26 -10.36 1.53
C ILE A 41 -2.17 -9.99 3.01
N PHE A 42 -0.97 -10.10 3.61
CA PHE A 42 -0.81 -9.71 5.00
C PHE A 42 -0.84 -8.19 5.25
N SER A 43 -0.86 -7.37 4.19
CA SER A 43 -0.84 -5.91 4.39
C SER A 43 -2.18 -5.30 4.85
N PHE A 44 -3.27 -6.06 4.81
CA PHE A 44 -4.61 -5.55 5.11
C PHE A 44 -5.09 -5.79 6.56
N GLU A 45 -4.21 -6.40 7.38
CA GLU A 45 -4.53 -6.76 8.77
C GLU A 45 -5.80 -7.62 8.88
N ILE A 46 -6.04 -8.50 7.88
CA ILE A 46 -7.20 -9.41 7.92
C ILE A 46 -6.80 -10.79 8.46
N ASN A 47 -7.80 -11.62 8.74
CA ASN A 47 -7.55 -12.92 9.31
C ASN A 47 -7.29 -13.88 8.14
N VAL A 48 -6.03 -14.29 8.00
CA VAL A 48 -5.61 -15.12 6.85
C VAL A 48 -4.62 -16.22 7.26
N SER A 49 -4.82 -17.43 6.70
CA SER A 49 -3.87 -18.53 6.86
C SER A 49 -3.33 -18.90 5.49
N VAL A 50 -2.03 -19.19 5.41
CA VAL A 50 -1.44 -19.51 4.12
C VAL A 50 -0.85 -20.90 4.10
N ALA A 51 -1.32 -21.75 3.17
CA ALA A 51 -0.61 -23.01 2.89
C ALA A 51 0.38 -22.91 1.72
N ILE A 52 1.48 -23.66 1.86
CA ILE A 52 2.50 -23.69 0.81
C ILE A 52 2.76 -25.16 0.44
N ILE A 53 2.59 -25.49 -0.84
CA ILE A 53 2.73 -26.85 -1.32
C ILE A 53 3.51 -26.77 -2.59
N THR A 54 4.55 -27.60 -2.70
CA THR A 54 5.26 -27.70 -3.96
C THR A 54 4.88 -29.05 -4.61
N PHE A 55 4.89 -29.11 -5.93
CA PHE A 55 4.40 -30.33 -6.60
C PHE A 55 5.12 -30.65 -7.90
N ALA A 56 5.31 -31.95 -8.09
CA ALA A 56 5.70 -32.49 -9.39
C ALA A 56 4.96 -33.81 -9.56
N SER A 57 5.67 -34.95 -9.48
CA SER A 57 4.99 -36.25 -9.48
C SER A 57 4.08 -36.41 -8.28
N GLU A 58 4.51 -35.84 -7.14
CA GLU A 58 3.77 -35.83 -5.89
C GLU A 58 3.89 -34.41 -5.23
N PRO A 59 2.88 -34.03 -4.42
CA PRO A 59 2.89 -32.76 -3.67
C PRO A 59 3.70 -32.88 -2.40
N LYS A 60 4.29 -31.78 -2.01
CA LYS A 60 4.95 -31.70 -0.71
C LYS A 60 4.40 -30.49 0.05
N VAL A 61 3.84 -30.71 1.24
CA VAL A 61 3.26 -29.63 2.03
C VAL A 61 4.35 -29.00 2.89
N LEU A 62 4.68 -27.74 2.61
CA LEU A 62 5.69 -26.99 3.42
C LEU A 62 5.04 -26.20 4.58
N MET A 63 3.77 -25.85 4.42
CA MET A 63 2.98 -25.17 5.43
C MET A 63 1.53 -25.56 5.26
N SER A 64 0.89 -25.96 6.36
CA SER A 64 -0.49 -26.36 6.35
C SER A 64 -1.29 -25.32 7.08
N VAL A 65 -2.55 -25.14 6.71
CA VAL A 65 -3.45 -24.24 7.41
C VAL A 65 -3.90 -24.76 8.80
N LEU A 66 -3.67 -26.06 9.07
CA LEU A 66 -3.87 -26.62 10.41
C LEU A 66 -2.86 -26.10 11.44
N ASN A 67 -1.68 -25.69 10.94
CA ASN A 67 -0.56 -25.18 11.73
C ASN A 67 -0.74 -23.68 12.05
N ASP A 68 -0.52 -23.30 13.31
CA ASP A 68 -0.67 -21.89 13.74
C ASP A 68 0.36 -20.98 13.06
N ASN A 69 1.51 -21.53 12.72
CA ASN A 69 2.48 -20.75 11.97
C ASN A 69 1.96 -20.27 10.60
N SER A 70 0.85 -20.83 10.12
CA SER A 70 0.33 -20.43 8.80
C SER A 70 -0.33 -19.04 8.84
N ARG A 71 -0.50 -18.54 10.06
CA ARG A 71 -1.18 -17.26 10.32
C ARG A 71 -0.15 -16.19 10.68
N ASP A 72 1.11 -16.61 10.67
CA ASP A 72 2.24 -15.76 11.03
C ASP A 72 3.02 -15.49 9.78
N MET A 73 2.97 -14.24 9.31
CA MET A 73 3.63 -13.89 8.06
C MET A 73 5.08 -14.35 7.98
N THR A 74 5.83 -14.20 9.07
CA THR A 74 7.24 -14.54 9.03
C THR A 74 7.45 -16.06 8.81
N GLU A 75 6.64 -16.87 9.47
CA GLU A 75 6.73 -18.34 9.32
C GLU A 75 6.38 -18.74 7.89
N VAL A 76 5.35 -18.09 7.34
CA VAL A 76 4.90 -18.37 5.96
C VAL A 76 6.01 -18.04 4.95
N ILE A 77 6.57 -16.84 5.02
CA ILE A 77 7.62 -16.45 4.07
C ILE A 77 8.84 -17.37 4.25
N SER A 78 9.09 -17.80 5.47
CA SER A 78 10.24 -18.65 5.72
C SER A 78 10.04 -20.06 5.13
N SER A 79 8.87 -20.66 5.34
CA SER A 79 8.52 -21.92 4.67
C SER A 79 8.64 -21.80 3.13
N LEU A 80 8.21 -20.66 2.59
CA LEU A 80 8.41 -20.35 1.19
C LEU A 80 9.88 -20.32 0.78
N GLU A 81 10.71 -19.54 1.50
CA GLU A 81 12.14 -19.39 1.14
C GLU A 81 12.87 -20.74 1.32
N ASN A 82 12.49 -21.48 2.35
CA ASN A 82 12.97 -22.85 2.56
C ASN A 82 12.45 -23.94 1.57
N ALA A 83 11.77 -23.52 0.50
CA ALA A 83 11.29 -24.44 -0.53
C ALA A 83 12.37 -24.73 -1.57
N ASN A 84 12.82 -25.99 -1.63
CA ASN A 84 13.82 -26.41 -2.63
C ASN A 84 13.19 -27.17 -3.80
N TYR A 85 13.50 -26.70 -5.00
CA TYR A 85 13.15 -27.35 -6.25
C TYR A 85 13.68 -28.80 -6.36
N LYS A 86 14.86 -29.06 -5.80
CA LYS A 86 15.47 -30.40 -5.92
C LYS A 86 14.81 -31.44 -5.00
N ASP A 87 13.93 -30.99 -4.11
CA ASP A 87 13.18 -31.96 -3.31
C ASP A 87 12.23 -32.84 -4.15
N HIS A 88 12.01 -32.44 -5.40
CA HIS A 88 11.23 -33.22 -6.38
C HIS A 88 12.09 -33.90 -7.47
N GLU A 89 13.38 -34.08 -7.22
CA GLU A 89 14.30 -34.59 -8.25
C GLU A 89 14.01 -36.02 -8.74
N ASN A 90 13.36 -36.84 -7.91
CA ASN A 90 13.04 -38.23 -8.28
C ASN A 90 11.61 -38.48 -8.75
N GLY A 91 10.84 -37.42 -8.91
CA GLY A 91 9.51 -37.57 -9.46
C GLY A 91 9.25 -36.27 -10.13
N THR A 92 9.73 -36.13 -11.36
CA THR A 92 9.72 -34.82 -12.05
C THR A 92 8.58 -34.63 -13.06
N GLY A 93 7.59 -35.53 -13.06
CA GLY A 93 6.40 -35.44 -13.89
C GLY A 93 5.52 -34.38 -13.27
N THR A 94 4.33 -34.15 -13.83
CA THR A 94 3.45 -33.06 -13.40
C THR A 94 2.06 -33.59 -13.06
N ASN A 95 1.90 -33.88 -11.77
CA ASN A 95 0.65 -34.43 -11.28
C ASN A 95 -0.19 -33.35 -10.64
N THR A 96 -0.86 -32.57 -11.48
CA THR A 96 -1.64 -31.45 -10.96
C THR A 96 -2.80 -31.99 -10.14
N TYR A 97 -3.36 -33.12 -10.56
CA TYR A 97 -4.45 -33.72 -9.75
C TYR A 97 -4.03 -33.90 -8.30
N ALA A 98 -2.86 -34.49 -8.11
CA ALA A 98 -2.43 -34.83 -6.80
C ALA A 98 -2.14 -33.61 -5.93
N ALA A 99 -1.66 -32.53 -6.55
CA ALA A 99 -1.48 -31.21 -5.84
C ALA A 99 -2.83 -30.69 -5.31
N LEU A 100 -3.86 -30.78 -6.14
CA LEU A 100 -5.16 -30.30 -5.76
C LEU A 100 -5.77 -31.24 -4.75
N ASN A 101 -5.54 -32.54 -4.91
CA ASN A 101 -6.04 -33.44 -3.86
C ASN A 101 -5.35 -33.21 -2.49
N SER A 102 -4.09 -32.76 -2.47
CA SER A 102 -3.42 -32.36 -1.24
C SER A 102 -4.19 -31.25 -0.49
N VAL A 103 -4.67 -30.27 -1.24
CA VAL A 103 -5.54 -29.20 -0.69
C VAL A 103 -6.83 -29.84 -0.16
N TYR A 104 -7.47 -30.66 -0.99
CA TYR A 104 -8.64 -31.40 -0.49
C TYR A 104 -8.39 -32.07 0.88
N LEU A 105 -7.25 -32.76 1.00
CA LEU A 105 -6.95 -33.51 2.23
C LEU A 105 -6.79 -32.59 3.42
N MET A 106 -6.13 -31.47 3.17
CA MET A 106 -5.99 -30.42 4.18
C MET A 106 -7.33 -29.86 4.64
N MET A 107 -8.24 -29.60 3.69
CA MET A 107 -9.60 -29.15 3.97
C MET A 107 -10.37 -30.18 4.80
N ASN A 108 -10.26 -31.45 4.39
CA ASN A 108 -10.82 -32.55 5.17
C ASN A 108 -10.28 -32.59 6.61
N ASN A 109 -8.97 -32.47 6.74
CA ASN A 109 -8.37 -32.51 8.04
C ASN A 109 -8.86 -31.37 8.91
N GLN A 110 -8.99 -30.17 8.29
CA GLN A 110 -9.39 -28.98 9.04
C GLN A 110 -10.84 -28.98 9.47
N MET A 111 -11.72 -29.34 8.53
CA MET A 111 -13.12 -29.52 8.85
C MET A 111 -13.29 -30.49 10.02
N ARG A 112 -12.56 -31.61 10.01
CA ARG A 112 -12.66 -32.63 11.08
C ARG A 112 -12.28 -32.03 12.42
N LEU A 113 -11.15 -31.31 12.42
CA LEU A 113 -10.59 -30.70 13.62
C LEU A 113 -11.44 -29.57 14.22
N LEU A 114 -12.16 -28.85 13.37
CA LEU A 114 -12.99 -27.73 13.81
C LEU A 114 -14.46 -28.12 14.00
N GLY A 115 -14.96 -28.99 13.12
CA GLY A 115 -16.36 -29.35 13.13
C GLY A 115 -17.17 -28.74 12.00
N MET A 116 -17.60 -29.60 11.11
CA MET A 116 -18.49 -29.33 9.98
C MET A 116 -19.56 -28.28 10.27
N GLU A 117 -20.10 -28.34 11.49
CA GLU A 117 -21.30 -27.58 11.85
C GLU A 117 -20.97 -26.20 12.46
N THR A 118 -19.69 -25.99 12.79
CA THR A 118 -19.25 -24.79 13.49
C THR A 118 -19.05 -23.62 12.54
N MET A 119 -19.25 -22.41 13.06
CA MET A 119 -18.95 -21.18 12.31
C MET A 119 -17.44 -21.03 12.07
N ALA A 120 -16.62 -21.63 12.93
CA ALA A 120 -15.18 -21.62 12.73
C ALA A 120 -14.81 -22.27 11.36
N TRP A 121 -15.52 -23.34 10.99
CA TRP A 121 -15.32 -23.98 9.70
C TRP A 121 -16.09 -23.31 8.60
N GLN A 122 -17.38 -23.06 8.83
CA GLN A 122 -18.23 -22.48 7.77
C GLN A 122 -17.84 -21.06 7.32
N GLU A 123 -17.11 -20.33 8.16
CA GLU A 123 -16.77 -18.93 7.85
C GLU A 123 -15.54 -18.79 6.95
N ILE A 124 -14.84 -19.90 6.72
CA ILE A 124 -13.59 -19.85 5.95
C ILE A 124 -13.89 -19.73 4.47
N ARG A 125 -13.28 -18.75 3.81
CA ARG A 125 -13.27 -18.66 2.35
C ARG A 125 -11.91 -19.17 1.85
N HIS A 126 -11.92 -19.83 0.72
CA HIS A 126 -10.77 -20.61 0.26
C HIS A 126 -10.33 -20.09 -1.10
N ALA A 127 -9.04 -19.84 -1.23
CA ALA A 127 -8.49 -19.31 -2.49
C ALA A 127 -7.31 -20.18 -2.78
N ILE A 128 -7.32 -20.84 -3.95
CA ILE A 128 -6.18 -21.69 -4.33
C ILE A 128 -5.50 -20.99 -5.51
N ILE A 129 -4.17 -20.90 -5.46
CA ILE A 129 -3.41 -20.32 -6.59
C ILE A 129 -2.32 -21.30 -7.02
N LEU A 130 -2.41 -21.77 -8.26
CA LEU A 130 -1.37 -22.64 -8.78
C LEU A 130 -0.47 -21.78 -9.65
N LEU A 131 0.82 -21.82 -9.35
CA LEU A 131 1.87 -21.27 -10.21
C LEU A 131 2.46 -22.46 -10.98
N THR A 132 2.19 -22.50 -12.27
CA THR A 132 2.50 -23.68 -13.09
C THR A 132 2.52 -23.27 -14.57
N ASP A 133 3.09 -24.11 -15.45
CA ASP A 133 3.03 -23.87 -16.89
C ASP A 133 1.74 -24.53 -17.48
N GLY A 134 1.02 -25.23 -16.60
CA GLY A 134 -0.24 -25.86 -16.91
C GLY A 134 -0.06 -27.09 -17.76
N LYS A 135 1.08 -27.77 -17.64
CA LYS A 135 1.34 -28.92 -18.51
C LYS A 135 1.24 -30.22 -17.70
N SER A 136 0.09 -30.42 -17.04
CA SER A 136 -0.15 -31.68 -16.33
C SER A 136 -0.07 -32.84 -17.34
N ASN A 137 0.48 -33.98 -16.92
CA ASN A 137 0.71 -35.11 -17.82
C ASN A 137 0.67 -36.47 -17.12
N MET A 138 0.17 -36.49 -15.87
CA MET A 138 0.05 -37.73 -15.09
C MET A 138 -0.97 -37.51 -13.98
N GLY A 139 -1.52 -38.61 -13.47
CA GLY A 139 -2.32 -38.57 -12.21
C GLY A 139 -3.81 -38.41 -12.40
N GLY A 140 -4.23 -38.21 -13.65
CA GLY A 140 -5.61 -38.07 -14.03
C GLY A 140 -6.10 -36.62 -14.07
N SER A 141 -7.33 -36.44 -14.51
CA SER A 141 -7.91 -35.10 -14.62
C SER A 141 -8.00 -34.39 -13.26
N PRO A 142 -7.45 -33.16 -13.20
CA PRO A 142 -7.59 -32.33 -11.98
C PRO A 142 -9.05 -32.01 -11.65
N LYS A 143 -9.96 -32.12 -12.61
CA LYS A 143 -11.38 -31.81 -12.30
C LYS A 143 -11.96 -32.66 -11.15
N THR A 144 -11.49 -33.90 -11.00
CA THR A 144 -11.98 -34.78 -9.92
C THR A 144 -11.69 -34.12 -8.59
N ALA A 145 -10.47 -33.61 -8.44
CA ALA A 145 -10.07 -32.96 -7.18
C ALA A 145 -10.82 -31.66 -7.00
N VAL A 146 -10.97 -30.90 -8.08
CA VAL A 146 -11.78 -29.66 -8.02
C VAL A 146 -13.21 -29.93 -7.52
N ASP A 147 -13.84 -30.97 -8.09
CA ASP A 147 -15.21 -31.34 -7.72
C ASP A 147 -15.33 -31.87 -6.29
N HIS A 148 -14.33 -32.60 -5.81
CA HIS A 148 -14.28 -32.98 -4.39
C HIS A 148 -14.20 -31.78 -3.43
N ILE A 149 -13.41 -30.81 -3.84
CA ILE A 149 -13.26 -29.56 -3.05
C ILE A 149 -14.56 -28.78 -3.05
N ARG A 150 -15.21 -28.65 -4.20
CA ARG A 150 -16.49 -27.95 -4.27
C ARG A 150 -17.54 -28.62 -3.36
N GLU A 151 -17.43 -29.94 -3.25
CA GLU A 151 -18.34 -30.73 -2.43
C GLU A 151 -18.12 -30.53 -0.92
N ILE A 152 -16.89 -30.69 -0.45
CA ILE A 152 -16.60 -30.53 0.97
C ILE A 152 -16.87 -29.08 1.47
N LEU A 153 -16.70 -28.12 0.57
CA LEU A 153 -16.90 -26.69 0.86
C LEU A 153 -18.37 -26.26 0.67
N ASN A 154 -19.21 -27.19 0.21
CA ASN A 154 -20.60 -26.91 -0.12
C ASN A 154 -20.74 -25.62 -0.93
N ILE A 155 -20.06 -25.60 -2.08
CA ILE A 155 -20.13 -24.48 -2.99
C ILE A 155 -21.45 -24.55 -3.76
N ASN A 156 -22.41 -23.75 -3.34
CA ASN A 156 -23.69 -23.58 -4.08
C ASN A 156 -23.75 -22.16 -4.67
N GLN A 157 -24.91 -21.72 -5.17
CA GLN A 157 -24.95 -20.35 -5.71
C GLN A 157 -24.73 -19.33 -4.59
N LYS A 158 -25.27 -19.63 -3.39
CA LYS A 158 -25.14 -18.77 -2.21
C LYS A 158 -23.71 -18.78 -1.68
N ARG A 159 -22.99 -19.87 -1.91
CA ARG A 159 -21.60 -19.98 -1.41
C ARG A 159 -20.49 -19.88 -2.49
N ASN A 160 -20.81 -19.25 -3.60
CA ASN A 160 -19.85 -19.13 -4.67
C ASN A 160 -18.59 -18.34 -4.28
N ASP A 161 -18.73 -17.49 -3.27
CA ASP A 161 -17.65 -16.65 -2.77
C ASP A 161 -16.69 -17.42 -1.88
N TYR A 162 -17.04 -18.67 -1.58
CA TYR A 162 -16.25 -19.44 -0.63
C TYR A 162 -15.09 -20.20 -1.29
N LEU A 163 -15.03 -20.13 -2.60
CA LEU A 163 -13.96 -20.80 -3.37
C LEU A 163 -13.55 -20.02 -4.62
N ASP A 164 -12.24 -19.84 -4.77
CA ASP A 164 -11.67 -19.29 -6.00
C ASP A 164 -10.44 -20.10 -6.29
N ILE A 165 -10.30 -20.48 -7.54
CA ILE A 165 -9.12 -21.23 -7.98
C ILE A 165 -8.50 -20.43 -9.11
N TYR A 166 -7.23 -20.06 -8.92
CA TYR A 166 -6.42 -19.32 -9.91
C TYR A 166 -5.28 -20.16 -10.42
N ALA A 167 -5.04 -20.08 -11.74
CA ALA A 167 -3.91 -20.75 -12.33
C ALA A 167 -3.14 -19.71 -13.14
N ILE A 168 -1.89 -19.53 -12.77
CA ILE A 168 -1.06 -18.45 -13.30
C ILE A 168 0.29 -18.97 -13.73
N GLY A 169 0.59 -18.77 -15.01
CA GLY A 169 1.91 -19.08 -15.55
C GLY A 169 2.69 -17.79 -15.58
N VAL A 170 3.59 -17.60 -14.63
CA VAL A 170 4.39 -16.39 -14.56
C VAL A 170 5.83 -16.74 -14.90
N GLY A 171 6.42 -15.95 -15.79
CA GLY A 171 7.80 -16.14 -16.23
C GLY A 171 7.92 -16.31 -17.74
N LYS A 172 9.13 -16.63 -18.21
CA LYS A 172 9.40 -16.71 -19.65
C LYS A 172 9.01 -18.03 -20.30
N LEU A 173 8.57 -18.97 -19.47
CA LEU A 173 8.35 -20.35 -19.90
C LEU A 173 7.18 -20.58 -20.88
N ASP A 174 7.16 -21.78 -21.45
CA ASP A 174 6.12 -22.20 -22.39
C ASP A 174 4.96 -22.69 -21.55
N VAL A 175 3.77 -22.13 -21.82
CA VAL A 175 2.56 -22.37 -21.02
C VAL A 175 1.43 -22.92 -21.89
N ASP A 176 0.67 -23.87 -21.33
CA ASP A 176 -0.53 -24.36 -21.99
C ASP A 176 -1.75 -23.59 -21.48
N TRP A 177 -2.13 -22.57 -22.25
CA TRP A 177 -3.23 -21.68 -21.90
C TRP A 177 -4.53 -22.46 -21.69
N ARG A 178 -4.79 -23.44 -22.55
CA ARG A 178 -5.98 -24.26 -22.35
C ARG A 178 -6.08 -24.94 -20.97
N GLU A 179 -4.99 -25.52 -20.46
CA GLU A 179 -5.07 -26.11 -19.11
C GLU A 179 -5.22 -25.05 -18.01
N LEU A 180 -4.51 -23.92 -18.11
CA LEU A 180 -4.72 -22.84 -17.11
C LEU A 180 -6.17 -22.38 -16.99
N ASN A 181 -6.79 -22.19 -18.16
CA ASN A 181 -8.19 -21.79 -18.28
C ASN A 181 -9.11 -22.89 -17.68
N GLU A 182 -8.77 -24.15 -17.94
CA GLU A 182 -9.54 -25.26 -17.40
C GLU A 182 -9.43 -25.39 -15.87
N LEU A 183 -8.24 -25.09 -15.34
CA LEU A 183 -8.02 -25.13 -13.87
C LEU A 183 -8.76 -24.01 -13.11
N GLY A 184 -8.67 -22.78 -13.64
CA GLY A 184 -9.27 -21.63 -12.99
C GLY A 184 -10.78 -21.70 -12.86
N SER A 185 -11.30 -21.02 -11.84
CA SER A 185 -12.74 -20.84 -11.66
C SER A 185 -13.33 -20.17 -12.91
N LYS A 186 -14.64 -20.37 -13.11
CA LYS A 186 -15.41 -19.76 -14.17
C LYS A 186 -16.49 -18.90 -13.53
N LYS A 187 -16.20 -17.61 -13.34
CA LYS A 187 -17.11 -16.70 -12.67
C LYS A 187 -17.37 -15.55 -13.62
N ASP A 188 -18.64 -15.18 -13.74
CA ASP A 188 -19.02 -14.08 -14.63
C ASP A 188 -18.36 -12.75 -14.24
N GLY A 189 -17.80 -12.05 -15.21
CA GLY A 189 -17.21 -10.74 -14.96
C GLY A 189 -15.83 -10.72 -14.33
N GLU A 190 -15.20 -11.90 -14.20
CA GLU A 190 -13.86 -12.09 -13.60
C GLU A 190 -13.03 -13.04 -14.45
N ARG A 191 -11.70 -12.96 -14.32
CA ARG A 191 -10.77 -13.94 -14.92
C ARG A 191 -10.04 -14.68 -13.81
N HIS A 192 -9.76 -15.98 -14.01
CA HIS A 192 -9.03 -16.78 -13.03
C HIS A 192 -7.81 -17.47 -13.62
N ALA A 193 -7.48 -17.19 -14.88
CA ALA A 193 -6.27 -17.72 -15.49
C ALA A 193 -5.49 -16.62 -16.18
N PHE A 194 -4.17 -16.60 -15.96
CA PHE A 194 -3.30 -15.52 -16.50
C PHE A 194 -1.99 -16.06 -16.98
N ILE A 195 -1.43 -15.45 -18.03
CA ILE A 195 -0.05 -15.72 -18.48
C ILE A 195 0.71 -14.38 -18.35
N LEU A 196 1.75 -14.36 -17.50
CA LEU A 196 2.43 -13.11 -17.14
C LEU A 196 3.96 -13.23 -17.27
N GLN A 197 4.60 -12.18 -17.82
CA GLN A 197 6.04 -12.23 -18.11
C GLN A 197 6.89 -12.27 -16.83
N ASP A 198 6.48 -11.55 -15.79
CA ASP A 198 7.33 -11.43 -14.60
C ASP A 198 6.55 -11.11 -13.34
N THR A 199 7.23 -11.07 -12.19
CA THR A 199 6.59 -10.81 -10.92
C THR A 199 5.96 -9.40 -10.92
N LYS A 200 6.58 -8.47 -11.65
CA LYS A 200 6.09 -7.11 -11.80
C LYS A 200 4.66 -7.08 -12.36
N ALA A 201 4.45 -7.85 -13.42
CA ALA A 201 3.15 -7.97 -14.06
C ALA A 201 2.15 -8.67 -13.13
N LEU A 202 2.66 -9.60 -12.33
CA LEU A 202 1.83 -10.34 -11.39
C LEU A 202 1.32 -9.41 -10.29
N HIS A 203 2.20 -8.52 -9.84
CA HIS A 203 1.83 -7.52 -8.85
C HIS A 203 0.62 -6.72 -9.34
N GLN A 204 0.67 -6.29 -10.60
CA GLN A 204 -0.47 -5.59 -11.21
C GLN A 204 -1.76 -6.42 -11.27
N VAL A 205 -1.65 -7.66 -11.75
CA VAL A 205 -2.82 -8.54 -11.81
C VAL A 205 -3.39 -8.87 -10.41
N PHE A 206 -2.51 -9.05 -9.44
CA PHE A 206 -2.93 -9.40 -8.10
C PHE A 206 -3.81 -8.32 -7.49
N GLU A 207 -3.47 -7.08 -7.76
CA GLU A 207 -4.34 -5.98 -7.28
C GLU A 207 -5.74 -6.12 -7.81
N HIS A 208 -5.87 -6.70 -8.99
CA HIS A 208 -7.19 -6.84 -9.61
C HIS A 208 -7.83 -8.16 -9.22
N MET A 209 -7.07 -9.06 -8.62
CA MET A 209 -7.65 -10.29 -8.01
C MET A 209 -8.27 -10.05 -6.63
N LEU A 210 -7.82 -9.01 -5.95
CA LEU A 210 -8.32 -8.65 -4.63
C LEU A 210 -9.57 -7.78 -4.72
N ASP A 211 -10.61 -8.16 -4.00
CA ASP A 211 -11.83 -7.34 -3.80
C ASP A 211 -11.78 -6.72 -2.39
N VAL A 212 -11.52 -5.41 -2.37
CA VAL A 212 -11.36 -4.73 -1.10
C VAL A 212 -12.61 -3.88 -0.83
N SER A 213 -13.63 -4.06 -1.67
CA SER A 213 -14.82 -3.19 -1.66
C SER A 213 -15.59 -3.19 -0.32
N LYS A 214 -15.47 -4.26 0.47
CA LYS A 214 -16.21 -4.32 1.72
C LYS A 214 -15.34 -4.01 2.93
N LEU A 215 -14.13 -3.51 2.68
CA LEU A 215 -13.25 -3.06 3.76
C LEU A 215 -13.55 -1.58 4.04
N THR A 216 -14.42 -1.34 5.02
CA THR A 216 -14.98 -0.01 5.25
C THR A 216 -14.75 0.47 6.70
N ASP A 217 -13.87 -0.19 7.44
CA ASP A 217 -13.45 0.34 8.74
C ASP A 217 -12.38 1.43 8.47
N THR A 218 -11.85 2.03 9.53
CA THR A 218 -10.91 3.15 9.39
C THR A 218 -9.41 2.78 9.24
N ILE A 219 -9.12 1.54 8.83
CA ILE A 219 -7.73 1.10 8.60
C ILE A 219 -6.95 2.17 7.81
N CYS A 220 -5.78 2.57 8.32
CA CYS A 220 -5.03 3.70 7.68
C CYS A 220 -4.04 3.24 6.62
N GLY A 221 -3.78 4.11 5.64
CA GLY A 221 -2.63 3.97 4.72
C GLY A 221 -2.77 2.78 3.81
N VAL A 222 -4.02 2.46 3.46
CA VAL A 222 -4.32 1.37 2.54
C VAL A 222 -4.65 2.02 1.20
N GLY A 223 -4.11 1.49 0.12
CA GLY A 223 -4.51 1.99 -1.19
C GLY A 223 -4.41 0.91 -2.24
N ASN A 224 -4.64 1.33 -3.49
CA ASN A 224 -4.51 0.49 -4.66
C ASN A 224 -3.15 0.67 -5.35
N MET A 225 -2.49 -0.44 -5.72
CA MET A 225 -1.16 -0.38 -6.32
C MET A 225 -1.20 -0.52 -7.83
N SER A 226 -2.39 -0.69 -8.39
CA SER A 226 -2.55 -0.89 -9.81
C SER A 226 -2.39 0.42 -10.61
N ALA A 227 -1.54 0.38 -11.63
CA ALA A 227 -1.43 1.47 -12.61
C ALA A 227 -2.77 1.70 -13.35
N ASN A 228 -3.64 0.69 -13.33
CA ASN A 228 -4.93 0.79 -13.98
C ASN A 228 -6.06 1.28 -13.04
N ALA A 229 -5.76 1.44 -11.75
CA ALA A 229 -6.75 1.98 -10.83
C ALA A 229 -6.90 3.52 -11.01
N SER A 230 -7.97 4.11 -10.50
CA SER A 230 -8.08 5.60 -10.53
C SER A 230 -7.04 6.25 -9.60
N ASP A 231 -6.70 7.51 -9.88
CA ASP A 231 -5.88 8.32 -8.96
C ASP A 231 -6.36 8.27 -7.50
N GLN A 232 -7.65 8.45 -7.29
CA GLN A 232 -8.21 8.43 -5.95
C GLN A 232 -8.12 7.06 -5.28
N GLU A 233 -8.24 6.00 -6.07
CA GLU A 233 -8.06 4.64 -5.51
C GLU A 233 -6.61 4.43 -5.07
N ARG A 234 -5.69 5.09 -5.77
CA ARG A 234 -4.26 4.97 -5.47
C ARG A 234 -3.89 5.77 -4.22
N THR A 235 -4.62 6.86 -3.94
CA THR A 235 -4.27 7.75 -2.80
C THR A 235 -5.58 8.22 -2.14
N PRO A 236 -6.29 7.30 -1.47
CA PRO A 236 -7.63 7.60 -1.01
C PRO A 236 -7.71 8.58 0.16
N TRP A 237 -6.54 8.95 0.73
CA TRP A 237 -6.51 9.97 1.80
C TRP A 237 -6.60 11.40 1.23
N HIS A 238 -6.50 11.53 -0.10
CA HIS A 238 -6.25 12.84 -0.72
C HIS A 238 -7.56 13.63 -0.75
N VAL A 239 -7.51 14.92 -0.34
CA VAL A 239 -8.72 15.77 -0.38
C VAL A 239 -8.33 17.10 -1.02
N THR A 240 -9.30 17.81 -1.60
CA THR A 240 -9.06 19.14 -2.15
C THR A 240 -9.80 20.14 -1.27
N ILE A 241 -9.14 21.26 -0.95
CA ILE A 241 -9.72 22.26 -0.07
C ILE A 241 -10.03 23.52 -0.88
N LYS A 242 -11.26 24.01 -0.72
CA LYS A 242 -11.78 25.17 -1.47
C LYS A 242 -12.08 26.21 -0.41
N PRO A 243 -11.14 27.14 -0.17
CA PRO A 243 -11.30 28.10 0.91
C PRO A 243 -12.02 29.37 0.45
N THR A 248 -7.00 27.36 -3.86
CA THR A 248 -7.14 25.92 -3.76
C THR A 248 -5.90 25.37 -3.00
N CYS A 249 -6.13 24.35 -2.21
CA CYS A 249 -5.05 23.68 -1.52
C CYS A 249 -5.47 22.23 -1.51
N ARG A 250 -4.57 21.38 -1.04
CA ARG A 250 -4.88 19.97 -0.81
C ARG A 250 -4.71 19.68 0.71
N GLY A 251 -5.13 18.48 1.12
CA GLY A 251 -5.07 18.03 2.51
C GLY A 251 -5.10 16.51 2.51
N ALA A 252 -4.96 15.95 3.72
CA ALA A 252 -5.06 14.51 3.90
C ALA A 252 -6.04 14.16 5.01
N LEU A 253 -6.92 13.22 4.73
CA LEU A 253 -7.77 12.61 5.77
C LEU A 253 -6.88 11.87 6.71
N ILE A 254 -7.04 12.12 8.00
CA ILE A 254 -6.22 11.44 8.98
C ILE A 254 -7.08 10.61 9.95
N SER A 255 -8.40 10.78 9.85
CA SER A 255 -9.39 9.98 10.56
C SER A 255 -10.65 10.06 9.69
N ASP A 256 -11.78 9.58 10.22
CA ASP A 256 -13.02 9.65 9.44
C ASP A 256 -13.72 11.02 9.61
N GLN A 257 -13.11 11.97 10.32
CA GLN A 257 -13.66 13.35 10.40
C GLN A 257 -12.60 14.47 10.37
N TRP A 258 -11.32 14.13 10.39
CA TRP A 258 -10.31 15.19 10.46
C TRP A 258 -9.36 15.19 9.29
N VAL A 259 -8.97 16.39 8.85
CA VAL A 259 -8.13 16.60 7.66
C VAL A 259 -6.91 17.40 8.08
N LEU A 260 -5.72 16.95 7.68
CA LEU A 260 -4.52 17.71 7.93
C LEU A 260 -4.10 18.51 6.70
N THR A 261 -3.74 19.77 6.93
CA THR A 261 -3.39 20.65 5.81
C THR A 261 -2.37 21.72 6.25
N ALA A 262 -2.07 22.71 5.38
CA ALA A 262 -1.16 23.81 5.68
C ALA A 262 -1.97 25.02 6.21
N ALA A 263 -1.46 25.68 7.25
CA ALA A 263 -2.04 26.97 7.72
C ALA A 263 -2.10 28.07 6.64
N HIS A 264 -1.11 28.12 5.73
CA HIS A 264 -1.03 29.27 4.78
C HIS A 264 -2.17 29.28 3.78
N CYS A 265 -2.90 28.17 3.69
CA CYS A 265 -4.01 28.03 2.79
C CYS A 265 -5.20 28.91 3.23
N PHE A 266 -5.17 29.40 4.48
CA PHE A 266 -6.33 30.14 5.06
C PHE A 266 -6.10 31.62 5.40
N TRP A 275 -16.00 27.64 3.42
CA TRP A 275 -15.08 26.63 2.89
C TRP A 275 -15.75 25.28 2.52
N ARG A 276 -15.11 24.56 1.60
CA ARG A 276 -15.53 23.22 1.21
C ARG A 276 -14.33 22.28 1.17
N VAL A 277 -14.54 21.04 1.58
CA VAL A 277 -13.55 19.96 1.38
C VAL A 277 -14.10 18.88 0.46
N ASN A 278 -13.41 18.59 -0.62
CA ASN A 278 -13.81 17.50 -1.53
C ASN A 278 -13.05 16.20 -1.22
N VAL A 279 -13.79 15.15 -0.89
CA VAL A 279 -13.26 13.85 -0.41
C VAL A 279 -13.52 12.80 -1.49
N GLY A 280 -12.67 11.77 -1.59
CA GLY A 280 -12.96 10.66 -2.51
C GLY A 280 -14.35 10.06 -2.31
N ASP A 281 -14.91 9.56 -3.42
CA ASP A 281 -16.18 8.87 -3.38
C ASP A 281 -16.22 7.82 -4.47
N PRO A 282 -16.59 6.58 -4.11
CA PRO A 282 -16.53 5.51 -5.07
C PRO A 282 -17.49 5.75 -6.24
N LYS A 283 -18.48 6.60 -6.06
CA LYS A 283 -19.50 6.77 -7.11
C LYS A 283 -19.18 7.81 -8.21
N SER A 284 -18.23 8.71 -7.98
CA SER A 284 -17.73 9.50 -9.08
C SER A 284 -16.35 10.07 -8.87
N GLN A 285 -15.64 10.19 -9.98
CA GLN A 285 -14.37 10.90 -10.03
C GLN A 285 -14.42 12.29 -9.41
N TRP A 286 -15.65 12.80 -9.19
CA TRP A 286 -15.83 14.18 -8.78
C TRP A 286 -15.78 14.33 -7.28
N GLY A 287 -15.78 13.20 -6.59
CA GLY A 287 -15.68 13.17 -5.13
C GLY A 287 -16.97 13.59 -4.48
N LYS A 288 -16.90 13.88 -3.19
CA LYS A 288 -18.05 14.31 -2.41
C LYS A 288 -17.68 15.53 -1.57
N GLU A 289 -18.53 16.56 -1.62
CA GLU A 289 -18.35 17.78 -0.83
C GLU A 289 -18.68 17.61 0.64
N PHE A 290 -17.79 18.10 1.49
CA PHE A 290 -18.02 18.19 2.94
C PHE A 290 -17.87 19.63 3.45
N LEU A 291 -18.72 20.02 4.39
CA LEU A 291 -18.49 21.30 5.08
C LEU A 291 -17.58 21.10 6.29
N ILE A 292 -17.11 22.19 6.86
CA ILE A 292 -16.17 22.20 7.95
C ILE A 292 -16.88 22.59 9.25
N GLU A 293 -16.67 21.79 10.29
CA GLU A 293 -17.21 22.12 11.60
C GLU A 293 -16.31 23.10 12.34
N LYS A 294 -15.00 22.89 12.23
CA LYS A 294 -14.04 23.57 13.08
C LYS A 294 -12.73 23.59 12.25
N ALA A 295 -12.00 24.71 12.25
CA ALA A 295 -10.63 24.72 11.74
C ALA A 295 -9.73 25.08 12.90
N VAL A 296 -8.61 24.36 13.00
CA VAL A 296 -7.61 24.61 14.01
C VAL A 296 -6.29 24.97 13.29
N ILE A 297 -5.96 26.25 13.32
CA ILE A 297 -4.80 26.74 12.62
C ILE A 297 -3.68 27.01 13.64
N SER A 298 -2.45 26.56 13.38
CA SER A 298 -1.40 26.75 14.35
C SER A 298 -1.25 28.26 14.65
N PRO A 299 -1.28 28.62 15.94
CA PRO A 299 -1.13 30.04 16.25
C PRO A 299 0.28 30.56 15.98
N GLY A 300 1.28 29.69 15.82
CA GLY A 300 2.64 30.14 15.45
C GLY A 300 2.77 30.70 14.03
N PHE A 301 1.83 30.35 13.16
CA PHE A 301 1.94 30.69 11.74
C PHE A 301 1.68 32.16 11.45
N ASP A 302 2.63 32.80 10.78
CA ASP A 302 2.53 34.22 10.38
C ASP A 302 3.51 34.42 9.24
N VAL A 303 2.98 34.41 8.03
CA VAL A 303 3.83 34.35 6.86
C VAL A 303 4.70 35.61 6.72
N PHE A 304 4.20 36.73 7.24
CA PHE A 304 4.95 38.00 7.25
C PHE A 304 5.69 38.27 8.56
N ALA A 305 5.87 37.24 9.39
CA ALA A 305 6.56 37.40 10.66
C ALA A 305 7.95 38.08 10.57
N LYS A 306 8.64 37.85 9.46
CA LYS A 306 10.01 38.32 9.34
C LYS A 306 10.17 39.40 8.27
N LYS A 307 9.04 39.87 7.74
CA LYS A 307 9.02 40.71 6.53
C LYS A 307 9.83 42.01 6.76
N ASN A 308 9.66 42.60 7.93
CA ASN A 308 10.27 43.89 8.23
C ASN A 308 11.77 43.77 8.31
N GLN A 309 12.25 42.56 8.57
CA GLN A 309 13.68 42.28 8.57
C GLN A 309 14.29 41.55 7.33
N GLY A 310 13.56 41.58 6.23
CA GLY A 310 14.09 41.14 4.96
C GLY A 310 13.98 39.67 4.65
N ILE A 311 13.02 39.01 5.28
CA ILE A 311 12.63 37.64 4.88
C ILE A 311 11.13 37.77 4.62
N LEU A 312 10.77 37.89 3.36
CA LEU A 312 9.49 38.45 2.99
C LEU A 312 8.34 37.48 3.21
N GLU A 313 8.65 36.19 3.22
CA GLU A 313 7.70 35.11 3.51
C GLU A 313 8.40 34.08 4.40
N PHE A 314 7.74 33.65 5.48
CA PHE A 314 8.29 32.69 6.47
C PHE A 314 7.23 31.68 6.90
N TYR A 315 7.54 30.40 6.76
CA TYR A 315 6.52 29.36 6.84
C TYR A 315 6.62 28.49 8.07
N GLY A 316 7.29 28.98 9.13
CA GLY A 316 7.34 28.24 10.40
C GLY A 316 5.92 27.98 10.89
N ASP A 317 5.71 26.82 11.50
CA ASP A 317 4.38 26.39 12.02
C ASP A 317 3.24 26.39 10.97
N ASP A 318 3.57 26.07 9.71
CA ASP A 318 2.61 26.07 8.62
C ASP A 318 1.76 24.79 8.66
N ILE A 319 0.82 24.73 9.60
CA ILE A 319 0.04 23.49 9.84
C ILE A 319 -1.34 23.86 10.35
N ALA A 320 -2.34 23.06 9.92
CA ALA A 320 -3.76 23.30 10.25
C ALA A 320 -4.52 22.01 10.23
N LEU A 321 -5.56 21.94 11.06
CA LEU A 321 -6.46 20.81 11.07
C LEU A 321 -7.87 21.31 10.82
N LEU A 322 -8.60 20.55 10.02
CA LEU A 322 -10.02 20.78 9.73
C LEU A 322 -10.85 19.63 10.25
N LYS A 323 -11.86 19.93 11.08
CA LYS A 323 -12.86 18.91 11.43
C LYS A 323 -14.06 19.03 10.50
N LEU A 324 -14.40 17.94 9.82
CA LEU A 324 -15.51 17.97 8.87
C LEU A 324 -16.82 17.93 9.65
N ALA A 325 -17.87 18.48 9.05
CA ALA A 325 -19.16 18.59 9.71
C ALA A 325 -19.89 17.25 9.86
N GLN A 326 -19.60 16.28 8.99
CA GLN A 326 -20.08 14.91 9.21
C GLN A 326 -18.90 13.97 9.01
N LYS A 327 -19.01 12.75 9.55
CA LYS A 327 -18.01 11.68 9.33
C LYS A 327 -18.02 11.20 7.89
N VAL A 328 -16.85 10.90 7.37
CA VAL A 328 -16.70 10.32 6.03
C VAL A 328 -16.94 8.83 6.16
N LYS A 329 -17.66 8.24 5.19
CA LYS A 329 -17.73 6.78 5.10
C LYS A 329 -16.46 6.27 4.45
N MET A 330 -15.80 5.32 5.10
CA MET A 330 -14.55 4.76 4.59
C MET A 330 -14.83 3.85 3.42
N SER A 331 -13.97 3.90 2.41
CA SER A 331 -14.18 3.09 1.21
C SER A 331 -12.87 3.00 0.42
N THR A 332 -12.90 2.30 -0.71
CA THR A 332 -11.77 2.27 -1.67
C THR A 332 -11.32 3.70 -2.08
N HIS A 333 -12.21 4.66 -1.93
CA HIS A 333 -11.98 6.03 -2.39
C HIS A 333 -11.74 7.05 -1.29
N ALA A 334 -12.00 6.68 -0.04
CA ALA A 334 -11.80 7.54 1.12
C ALA A 334 -11.28 6.72 2.32
N ARG A 335 -10.01 6.93 2.67
CA ARG A 335 -9.42 6.34 3.87
C ARG A 335 -8.40 7.27 4.52
N PRO A 336 -8.17 7.15 5.84
CA PRO A 336 -7.12 7.96 6.44
C PRO A 336 -5.75 7.47 5.93
N ILE A 337 -4.79 8.38 5.81
CA ILE A 337 -3.36 7.98 5.65
C ILE A 337 -2.81 7.60 7.03
N CYS A 338 -1.77 6.77 7.14
CA CYS A 338 -1.19 6.52 8.48
C CYS A 338 -0.30 7.68 8.89
N LEU A 339 -0.44 8.11 10.14
CA LEU A 339 0.47 9.06 10.74
C LEU A 339 1.50 8.32 11.60
N PRO A 340 2.78 8.68 11.46
CA PRO A 340 3.84 8.05 12.25
C PRO A 340 3.61 8.40 13.73
N CYS A 341 4.19 7.61 14.64
CA CYS A 341 4.06 7.87 16.07
C CYS A 341 2.66 7.59 16.60
N THR A 342 1.92 6.75 15.88
CA THR A 342 0.64 6.24 16.38
C THR A 342 0.69 4.73 16.49
N MET A 343 -0.17 4.15 17.32
CA MET A 343 -0.23 2.66 17.41
C MET A 343 -0.66 2.00 16.09
N GLU A 344 -1.54 2.67 15.33
CA GLU A 344 -1.96 2.16 14.01
C GLU A 344 -0.78 2.04 13.01
N ALA A 345 0.03 3.09 12.94
CA ALA A 345 1.26 3.05 12.14
C ALA A 345 2.25 2.01 12.66
N ASN A 346 2.39 1.89 13.97
CA ASN A 346 3.27 0.88 14.54
C ASN A 346 2.91 -0.53 14.07
N LEU A 347 1.62 -0.83 14.05
CA LEU A 347 1.13 -2.14 13.59
C LEU A 347 1.37 -2.31 12.08
N ALA A 348 1.03 -1.28 11.30
CA ALA A 348 1.28 -1.28 9.86
C ALA A 348 2.73 -1.56 9.56
N LEU A 349 3.62 -0.99 10.36
CA LEU A 349 5.06 -1.14 10.16
C LEU A 349 5.62 -2.45 10.75
N ARG A 350 4.80 -3.17 11.51
CA ARG A 350 5.21 -4.45 12.14
C ARG A 350 6.40 -4.27 13.09
N ARG A 351 6.37 -3.21 13.89
CA ARG A 351 7.47 -2.89 14.76
C ARG A 351 7.11 -3.30 16.22
N PRO A 352 8.12 -3.37 17.11
CA PRO A 352 7.85 -3.74 18.50
C PRO A 352 6.80 -2.89 19.22
N GLN A 353 6.03 -3.50 20.12
CA GLN A 353 5.01 -2.79 20.90
C GLN A 353 5.38 -1.47 21.57
N GLY A 354 6.55 -1.45 22.18
CA GLY A 354 7.00 -0.30 22.99
C GLY A 354 7.78 0.73 22.20
N SER A 355 7.63 0.72 20.87
CA SER A 355 8.35 1.67 19.98
C SER A 355 8.00 3.11 20.31
N THR A 356 8.93 4.03 20.07
CA THR A 356 8.71 5.43 20.39
C THR A 356 8.56 6.20 19.04
N CYS A 357 8.25 7.49 19.13
CA CYS A 357 8.27 8.34 17.94
C CYS A 357 9.64 8.39 17.26
N ARG A 358 10.69 8.46 18.09
CA ARG A 358 12.06 8.44 17.55
C ARG A 358 12.26 7.16 16.75
N ASP A 359 11.75 6.03 17.27
CA ASP A 359 11.87 4.76 16.53
C ASP A 359 11.17 4.81 15.16
N HIS A 360 9.97 5.44 15.10
CA HIS A 360 9.25 5.52 13.81
C HIS A 360 10.01 6.42 12.81
N GLU A 361 10.63 7.51 13.31
CA GLU A 361 11.46 8.39 12.45
C GLU A 361 12.67 7.64 11.87
N ASN A 362 13.32 6.86 12.72
CA ASN A 362 14.40 5.93 12.30
C ASN A 362 13.93 4.89 11.29
N GLU A 363 12.74 4.34 11.56
CA GLU A 363 12.13 3.32 10.68
C GLU A 363 11.93 3.87 9.26
N LEU A 364 11.31 5.06 9.19
CA LEU A 364 10.89 5.64 7.92
C LEU A 364 11.93 6.47 7.18
N LEU A 365 12.81 7.14 7.92
CA LEU A 365 13.71 8.14 7.33
C LEU A 365 15.19 7.87 7.60
N ASN A 366 15.57 6.61 7.51
CA ASN A 366 16.93 6.18 7.86
C ASN A 366 18.02 6.54 6.82
N LYS A 367 17.65 6.60 5.55
CA LYS A 367 18.63 6.84 4.47
C LYS A 367 18.93 8.33 4.24
N GLN A 368 20.06 8.64 3.62
CA GLN A 368 20.36 10.05 3.35
C GLN A 368 19.48 10.62 2.24
N SER A 369 18.90 9.75 1.43
CA SER A 369 17.97 10.17 0.35
C SER A 369 16.84 9.17 0.32
N VAL A 370 15.64 9.64 0.64
CA VAL A 370 14.48 8.79 0.86
C VAL A 370 13.42 9.08 -0.20
N PRO A 371 13.19 8.11 -1.11
CA PRO A 371 12.11 8.23 -2.09
C PRO A 371 10.74 8.40 -1.45
N ALA A 372 10.02 9.42 -1.93
CA ALA A 372 8.76 9.85 -1.37
C ALA A 372 7.90 10.44 -2.51
N HIS A 373 6.72 10.96 -2.17
CA HIS A 373 5.72 11.36 -3.15
C HIS A 373 4.92 12.53 -2.62
N PHE A 374 4.34 13.26 -3.58
CA PHE A 374 3.17 14.09 -3.29
C PHE A 374 2.18 13.95 -4.46
N VAL A 375 0.95 14.42 -4.28
CA VAL A 375 -0.11 14.29 -5.32
C VAL A 375 -0.28 15.61 -6.07
N ALA A 376 -0.31 15.51 -7.40
CA ALA A 376 -0.43 16.68 -8.29
C ALA A 376 -1.86 17.24 -8.32
N LEU A 377 -2.00 18.45 -8.90
CA LEU A 377 -3.32 19.09 -9.03
C LEU A 377 -4.32 18.16 -9.71
N ASN A 378 -3.83 17.42 -10.69
CA ASN A 378 -4.66 16.51 -11.48
C ASN A 378 -4.85 15.12 -10.91
N GLY A 379 -4.30 14.88 -9.71
CA GLY A 379 -4.46 13.61 -9.01
C GLY A 379 -3.28 12.65 -9.17
N SER A 380 -2.33 12.96 -10.06
CA SER A 380 -1.20 12.05 -10.31
C SER A 380 -0.24 11.97 -9.13
N LYS A 381 0.27 10.75 -8.86
CA LYS A 381 1.31 10.60 -7.84
C LYS A 381 2.68 10.98 -8.39
N LEU A 382 3.33 11.99 -7.82
CA LEU A 382 4.65 12.41 -8.31
C LEU A 382 5.77 12.03 -7.33
N ASN A 383 6.99 12.00 -7.80
CA ASN A 383 8.14 11.49 -7.04
C ASN A 383 9.13 12.55 -6.61
N ILE A 384 9.66 12.40 -5.40
CA ILE A 384 10.67 13.29 -4.88
C ILE A 384 11.67 12.45 -4.07
N ASN A 385 12.79 13.04 -3.71
CA ASN A 385 13.69 12.35 -2.78
C ASN A 385 13.96 13.27 -1.60
N LEU A 386 13.54 12.85 -0.41
CA LEU A 386 13.82 13.64 0.79
C LEU A 386 15.26 13.47 1.22
N LYS A 387 15.93 14.59 1.48
CA LYS A 387 17.34 14.59 1.76
C LYS A 387 17.58 14.80 3.24
N MET A 388 18.29 13.86 3.85
CA MET A 388 18.45 13.79 5.33
C MET A 388 19.91 13.96 5.69
N GLY A 389 20.15 14.39 6.93
CA GLY A 389 21.51 14.53 7.49
C GLY A 389 22.36 15.55 6.74
N VAL A 390 23.55 15.13 6.33
CA VAL A 390 24.42 16.04 5.57
C VAL A 390 23.79 16.51 4.25
N GLU A 391 23.02 15.63 3.61
CA GLU A 391 22.38 15.97 2.34
C GLU A 391 21.24 16.99 2.54
N TRP A 392 20.63 17.01 3.73
CA TRP A 392 19.63 18.07 4.08
C TRP A 392 20.27 19.45 4.02
N THR A 393 21.46 19.57 4.61
CA THR A 393 22.19 20.84 4.62
C THR A 393 22.48 21.36 3.21
N SER A 394 22.99 20.47 2.36
CA SER A 394 23.25 20.85 0.95
C SER A 394 21.96 21.14 0.21
N CYS A 395 20.94 20.34 0.45
CA CYS A 395 19.63 20.55 -0.18
C CYS A 395 19.09 21.93 0.13
N ALA A 396 19.12 22.30 1.42
CA ALA A 396 18.53 23.58 1.89
C ALA A 396 19.36 24.85 1.54
N GLU A 397 20.68 24.68 1.46
CA GLU A 397 21.62 25.82 1.31
C GLU A 397 21.31 26.77 0.15
N VAL A 398 20.74 26.24 -0.93
CA VAL A 398 20.48 27.05 -2.12
C VAL A 398 19.47 28.19 -1.93
N VAL A 399 18.76 28.22 -0.79
CA VAL A 399 17.91 29.38 -0.48
C VAL A 399 18.73 30.66 -0.42
N SER A 400 20.03 30.53 -0.15
CA SER A 400 20.94 31.68 -0.14
C SER A 400 21.09 32.37 -1.50
N GLN A 401 20.61 31.75 -2.58
CA GLN A 401 20.54 32.40 -3.91
C GLN A 401 19.26 33.20 -4.10
N GLU A 402 18.26 32.97 -3.24
CA GLU A 402 16.98 33.62 -3.39
C GLU A 402 17.03 34.97 -2.67
N LYS A 403 17.67 35.92 -3.34
CA LYS A 403 17.89 37.23 -2.77
C LYS A 403 16.68 38.16 -2.88
N THR A 404 15.72 37.80 -3.71
CA THR A 404 14.55 38.63 -3.88
C THR A 404 13.51 38.36 -2.78
N MET A 405 13.28 37.10 -2.46
CA MET A 405 12.38 36.81 -1.34
C MET A 405 13.07 36.94 0.03
N PHE A 406 14.36 36.66 0.05
CA PHE A 406 15.16 36.69 1.26
C PHE A 406 16.33 37.71 1.12
N PRO A 407 16.01 39.00 0.91
CA PRO A 407 17.10 40.00 0.72
C PRO A 407 18.01 40.10 1.92
N ASN A 408 17.49 39.79 3.09
CA ASN A 408 18.31 39.88 4.30
C ASN A 408 18.50 38.54 5.03
N LEU A 409 19.15 37.58 4.38
CA LEU A 409 19.30 36.24 4.96
C LEU A 409 20.73 36.04 5.42
N THR A 410 20.93 36.07 6.74
CA THR A 410 22.27 35.88 7.32
C THR A 410 22.65 34.41 7.53
N ASP A 411 21.65 33.58 7.76
CA ASP A 411 21.84 32.15 8.00
C ASP A 411 20.66 31.44 7.36
N VAL A 412 20.96 30.39 6.59
CA VAL A 412 19.94 29.50 5.96
C VAL A 412 18.83 29.10 6.94
N ARG A 413 19.19 28.92 8.20
CA ARG A 413 18.24 28.43 9.19
C ARG A 413 17.23 29.47 9.66
N GLU A 414 17.38 30.71 9.21
CA GLU A 414 16.37 31.72 9.47
C GLU A 414 15.09 31.48 8.64
N VAL A 415 15.21 30.72 7.55
CA VAL A 415 14.07 30.44 6.65
C VAL A 415 13.80 28.94 6.55
N VAL A 416 14.87 28.17 6.39
CA VAL A 416 14.73 26.71 6.42
C VAL A 416 15.13 26.22 7.81
N THR A 417 14.15 26.24 8.72
CA THR A 417 14.39 25.76 10.06
C THR A 417 14.36 24.23 10.11
N ASP A 418 14.64 23.69 11.30
CA ASP A 418 14.54 22.23 11.50
C ASP A 418 13.11 21.69 11.38
N GLN A 419 12.12 22.56 11.26
CA GLN A 419 10.73 22.10 11.06
C GLN A 419 10.47 21.51 9.66
N PHE A 420 11.43 21.68 8.74
CA PHE A 420 11.20 21.30 7.32
C PHE A 420 12.01 20.14 6.82
N LEU A 421 11.34 19.24 6.08
CA LEU A 421 12.01 18.29 5.23
C LEU A 421 12.39 19.06 3.92
N CYS A 422 13.36 18.53 3.17
CA CYS A 422 13.86 19.17 1.93
C CYS A 422 13.87 18.16 0.77
N SER A 423 13.43 18.61 -0.41
CA SER A 423 13.54 17.80 -1.65
C SER A 423 13.62 18.78 -2.85
N GLY A 424 13.62 18.26 -4.08
CA GLY A 424 13.59 19.19 -5.26
C GLY A 424 14.89 19.15 -6.04
N THR A 425 15.87 18.40 -5.55
CA THR A 425 17.16 18.23 -6.24
C THR A 425 17.02 17.37 -7.49
N GLN A 426 18.02 17.46 -8.37
CA GLN A 426 18.12 16.65 -9.58
C GLN A 426 16.80 16.53 -10.31
N GLU A 427 16.34 15.30 -10.52
CA GLU A 427 15.15 15.03 -11.33
C GLU A 427 13.82 15.02 -10.56
N ASP A 428 13.84 15.43 -9.29
CA ASP A 428 12.60 15.56 -8.51
C ASP A 428 11.56 16.44 -9.18
N GLU A 429 10.31 16.09 -9.01
CA GLU A 429 9.18 17.01 -9.22
C GLU A 429 9.09 18.01 -8.04
N SER A 430 8.51 19.19 -8.31
CA SER A 430 8.40 20.28 -7.33
C SER A 430 6.94 20.65 -7.23
N PRO A 431 6.39 20.73 -5.99
CA PRO A 431 4.94 21.07 -5.89
C PRO A 431 4.57 22.44 -6.48
N CYS A 432 3.36 22.52 -7.03
CA CYS A 432 2.75 23.80 -7.45
C CYS A 432 2.00 24.45 -6.27
N LYS A 433 1.64 25.72 -6.44
CA LYS A 433 0.98 26.48 -5.36
C LYS A 433 -0.31 25.77 -4.84
N GLY A 434 -1.13 25.27 -5.77
CA GLY A 434 -2.39 24.64 -5.37
C GLY A 434 -2.22 23.23 -4.79
N GLU A 435 -0.98 22.72 -4.81
CA GLU A 435 -0.69 21.40 -4.21
C GLU A 435 -0.32 21.47 -2.75
N SER A 436 -0.09 22.71 -2.29
CA SER A 436 0.15 23.05 -0.91
C SER A 436 -0.84 22.39 0.02
N GLY A 437 -0.34 21.94 1.18
CA GLY A 437 -1.18 21.35 2.20
C GLY A 437 -1.32 19.84 2.03
N GLY A 438 -1.02 19.35 0.83
CA GLY A 438 -1.19 17.91 0.54
C GLY A 438 -0.10 17.10 1.25
N ALA A 439 -0.36 15.81 1.44
CA ALA A 439 0.60 14.93 2.15
C ALA A 439 1.89 14.73 1.36
N VAL A 440 3.01 14.68 2.06
CA VAL A 440 4.24 14.13 1.53
C VAL A 440 4.37 12.77 2.20
N PHE A 441 4.42 11.71 1.41
CA PHE A 441 4.19 10.41 1.98
C PHE A 441 5.14 9.40 1.40
N LEU A 442 5.26 8.27 2.07
CA LEU A 442 6.09 7.17 1.60
C LEU A 442 5.31 5.86 1.71
N GLU A 443 5.74 4.87 0.97
CA GLU A 443 5.13 3.54 0.96
C GLU A 443 6.11 2.59 1.63
N ARG A 444 5.61 1.81 2.57
CA ARG A 444 6.45 0.80 3.26
C ARG A 444 5.56 -0.35 3.67
N ARG A 445 5.99 -1.56 3.36
CA ARG A 445 5.16 -2.76 3.55
C ARG A 445 3.75 -2.60 2.97
N PHE A 446 3.66 -2.06 1.75
CA PHE A 446 2.39 -1.79 1.06
C PHE A 446 1.40 -0.90 1.79
N ARG A 447 1.89 -0.15 2.76
CA ARG A 447 1.07 0.83 3.48
C ARG A 447 1.68 2.21 3.30
N PHE A 448 0.85 3.24 3.49
CA PHE A 448 1.26 4.63 3.19
C PHE A 448 1.28 5.44 4.45
N PHE A 449 2.35 6.24 4.62
CA PHE A 449 2.62 7.00 5.83
C PHE A 449 2.90 8.44 5.47
N GLN A 450 2.25 9.35 6.16
CA GLN A 450 2.51 10.77 5.92
C GLN A 450 3.66 11.23 6.79
N VAL A 451 4.76 11.69 6.18
CA VAL A 451 5.92 12.22 6.95
C VAL A 451 5.96 13.73 6.95
N GLY A 452 5.26 14.36 6.00
CA GLY A 452 5.21 15.82 6.00
C GLY A 452 4.04 16.35 5.19
N LEU A 453 3.99 17.67 4.97
CA LEU A 453 2.95 18.24 4.11
C LEU A 453 3.58 19.37 3.33
N VAL A 454 3.07 19.55 2.12
CA VAL A 454 3.65 20.56 1.20
C VAL A 454 3.46 21.96 1.77
N SER A 455 4.57 22.70 1.86
CA SER A 455 4.51 24.06 2.45
C SER A 455 4.97 25.16 1.46
N TRP A 456 6.22 25.10 1.06
CA TRP A 456 6.74 26.11 0.11
C TRP A 456 7.95 25.65 -0.67
N GLY A 457 8.38 26.50 -1.60
CA GLY A 457 9.52 26.15 -2.42
C GLY A 457 10.00 27.38 -3.20
N LEU A 458 11.02 27.17 -4.00
CA LEU A 458 11.70 28.26 -4.72
C LEU A 458 11.25 28.34 -6.19
N TYR A 459 10.45 27.37 -6.64
CA TYR A 459 10.02 27.28 -8.02
C TYR A 459 8.66 26.59 -8.21
N ASN A 460 7.72 27.30 -8.84
CA ASN A 460 6.37 26.82 -9.09
C ASN A 460 6.24 26.34 -10.54
N PRO A 461 6.36 25.02 -10.80
CA PRO A 461 6.25 24.54 -12.20
C PRO A 461 4.90 24.80 -12.89
N CYS A 462 3.87 25.16 -12.13
CA CYS A 462 2.56 25.43 -12.73
C CYS A 462 2.27 26.92 -12.96
N LEU A 463 3.17 27.80 -12.50
CA LEU A 463 2.93 29.26 -12.64
C LEU A 463 2.79 29.67 -14.12
N ASN A 469 -2.41 19.74 -16.13
CA ASN A 469 -1.62 18.58 -16.51
C ASN A 469 -0.23 18.95 -17.00
N SER A 470 0.09 20.23 -16.92
CA SER A 470 1.29 20.75 -17.51
C SER A 470 2.16 21.34 -16.42
N ARG A 471 3.41 20.93 -16.40
CA ARG A 471 4.36 21.51 -15.47
C ARG A 471 5.63 21.86 -16.26
N LYS A 472 6.16 23.04 -16.03
CA LYS A 472 7.39 23.45 -16.70
C LYS A 472 8.59 23.06 -15.86
N ARG A 473 9.67 22.62 -16.50
CA ARG A 473 10.94 22.44 -15.80
C ARG A 473 11.68 23.76 -15.79
N ALA A 474 12.34 24.06 -14.68
CA ALA A 474 13.21 25.22 -14.63
C ALA A 474 14.37 24.96 -15.60
N PRO A 475 14.83 26.02 -16.27
CA PRO A 475 16.13 25.99 -16.98
C PRO A 475 17.28 25.63 -16.03
N ARG A 476 18.25 24.83 -16.49
CA ARG A 476 19.37 24.42 -15.63
C ARG A 476 20.15 25.61 -15.10
N SER A 477 19.95 26.77 -15.73
CA SER A 477 20.65 27.97 -15.33
C SER A 477 19.87 28.82 -14.31
N LYS A 478 18.60 28.47 -14.07
CA LYS A 478 17.55 29.38 -13.54
C LYS A 478 17.52 29.91 -12.09
N VAL A 479 18.70 30.20 -11.53
CA VAL A 479 18.96 30.81 -10.18
C VAL A 479 17.87 31.55 -9.33
N PRO A 480 17.58 31.03 -8.10
CA PRO A 480 18.06 29.73 -7.60
C PRO A 480 17.34 28.57 -8.31
N PRO A 481 17.86 27.36 -8.18
CA PRO A 481 17.21 26.19 -8.75
C PRO A 481 15.93 25.83 -7.98
N PRO A 482 15.05 24.98 -8.53
CA PRO A 482 13.91 24.55 -7.70
C PRO A 482 14.39 23.85 -6.43
N ARG A 483 13.69 24.09 -5.31
CA ARG A 483 13.94 23.36 -4.05
C ARG A 483 12.68 23.52 -3.21
N ASP A 484 12.28 22.47 -2.47
CA ASP A 484 10.95 22.41 -1.86
C ASP A 484 11.10 22.01 -0.41
N PHE A 485 10.28 22.65 0.44
CA PHE A 485 10.38 22.56 1.91
C PHE A 485 9.02 22.17 2.48
N HIS A 486 8.98 21.06 3.20
CA HIS A 486 7.73 20.42 3.63
C HIS A 486 7.75 20.39 5.17
N ILE A 487 6.66 20.84 5.80
CA ILE A 487 6.55 20.76 7.25
C ILE A 487 6.79 19.28 7.59
N ASN A 488 7.70 19.02 8.50
CA ASN A 488 8.08 17.67 8.98
C ASN A 488 7.16 17.22 10.16
N LEU A 489 6.32 16.21 9.94
CA LEU A 489 5.38 15.79 11.01
C LEU A 489 6.08 15.30 12.28
N PHE A 490 7.30 14.81 12.15
CA PHE A 490 8.04 14.38 13.34
C PHE A 490 8.45 15.54 14.22
N ARG A 491 8.46 16.74 13.65
CA ARG A 491 8.78 17.97 14.41
C ARG A 491 7.54 18.67 14.97
N MET A 492 6.36 18.17 14.65
CA MET A 492 5.08 18.82 15.05
C MET A 492 4.26 17.99 16.04
N GLN A 493 4.91 17.09 16.74
CA GLN A 493 4.18 16.18 17.62
C GLN A 493 3.38 16.81 18.77
N PRO A 494 3.97 17.78 19.52
CA PRO A 494 3.25 18.45 20.61
C PRO A 494 1.92 19.11 20.16
N TRP A 495 1.94 19.77 19.01
CA TRP A 495 0.73 20.39 18.45
C TRP A 495 -0.26 19.33 17.97
N LEU A 496 0.23 18.34 17.23
CA LEU A 496 -0.68 17.32 16.77
C LEU A 496 -1.32 16.64 17.99
N ARG A 497 -0.50 16.34 19.01
CA ARG A 497 -1.03 15.64 20.21
C ARG A 497 -2.02 16.54 21.00
N GLN A 498 -1.78 17.84 21.02
CA GLN A 498 -2.67 18.79 21.72
C GLN A 498 -4.08 18.68 21.18
N HIS A 499 -4.19 18.49 19.86
CA HIS A 499 -5.45 18.53 19.16
C HIS A 499 -6.05 17.19 18.79
N LEU A 500 -5.25 16.14 18.70
CA LEU A 500 -5.73 14.85 18.16
C LEU A 500 -5.56 13.72 19.18
N GLY A 501 -5.30 14.08 20.43
CA GLY A 501 -4.98 13.08 21.46
C GLY A 501 -6.11 12.08 21.66
N ASP A 502 -7.33 12.52 21.41
CA ASP A 502 -8.52 11.68 21.57
C ASP A 502 -9.09 11.29 20.23
N VAL A 503 -8.43 11.74 19.16
CA VAL A 503 -8.78 11.31 17.81
C VAL A 503 -7.93 10.12 17.35
N LEU A 504 -6.62 10.21 17.52
CA LEU A 504 -5.69 9.15 17.15
C LEU A 504 -5.06 8.58 18.41
N ASN A 505 -4.46 7.42 18.28
CA ASN A 505 -3.89 6.72 19.43
C ASN A 505 -2.36 6.88 19.32
N PHE A 506 -1.81 7.94 19.93
CA PHE A 506 -0.37 8.18 19.85
C PHE A 506 0.41 7.22 20.69
N LEU A 507 1.61 6.91 20.24
CA LEU A 507 2.52 6.11 21.04
C LEU A 507 2.79 6.88 22.32
C1 NAG B . 19.39 41.61 9.05
C2 NAG B . 18.57 42.68 9.77
C3 NAG B . 19.09 42.78 11.22
C4 NAG B . 19.31 41.40 11.86
C5 NAG B . 19.82 40.29 10.90
C6 NAG B . 19.71 38.86 11.46
C7 NAG B . 17.50 44.68 8.73
C8 NAG B . 17.72 45.92 7.92
N2 NAG B . 18.58 43.94 9.02
O3 NAG B . 18.19 43.49 12.06
O4 NAG B . 20.23 41.58 12.92
O5 NAG B . 19.17 40.35 9.66
O6 NAG B . 18.44 38.64 12.05
O7 NAG B . 16.34 44.43 9.10
C1 NAG B . 18.49 44.91 12.09
C2 NAG B . 17.39 45.61 12.91
C3 NAG B . 17.78 45.93 14.35
C4 NAG B . 19.09 45.27 14.74
C5 NAG B . 20.13 45.72 13.72
C6 NAG B . 21.58 45.33 14.07
C7 NAG B . 15.70 47.14 12.13
C8 NAG B . 15.22 48.38 12.85
N2 NAG B . 16.98 46.82 12.25
O3 NAG B . 16.72 45.59 15.23
O4 NAG B . 19.46 45.69 16.01
O5 NAG B . 19.84 45.22 12.43
O6 NAG B . 21.67 43.97 14.45
O7 NAG B . 14.91 46.47 11.47
C1 NAG B . 19.82 40.87 14.11
C2 NAG B . 21.10 40.57 14.91
C3 NAG B . 20.85 40.03 16.31
C4 NAG B . 19.76 40.84 17.01
C5 NAG B . 18.53 40.90 16.11
C6 NAG B . 17.35 41.61 16.73
C7 NAG B . 22.99 39.96 13.53
C8 NAG B . 23.67 38.85 12.81
N2 NAG B . 21.89 39.61 14.18
O3 NAG B . 22.07 40.05 17.03
O4 NAG B . 19.52 40.30 18.29
O5 NAG B . 18.87 41.57 14.90
O6 NAG B . 16.44 41.97 15.71
O7 NAG B . 23.42 41.13 13.50
C1 NAG C . -7.76 -1.54 -7.55
C2 NAG C . -8.42 -2.66 -6.71
C3 NAG C . -9.26 -3.62 -7.60
C4 NAG C . -10.30 -2.82 -8.42
C5 NAG C . -9.54 -1.69 -9.15
C6 NAG C . -10.37 -0.78 -10.06
C7 NAG C . -7.13 -3.11 -4.61
C8 NAG C . -6.09 -3.95 -3.92
N2 NAG C . -7.48 -3.44 -5.88
O3 NAG C . -9.92 -4.57 -6.80
O4 NAG C . -10.93 -3.70 -9.33
O5 NAG C . -8.85 -0.89 -8.19
O6 NAG C . -11.49 -0.30 -9.35
O7 NAG C . -7.62 -2.18 -3.97
C1 NAG C . -12.35 -3.58 -9.24
C2 NAG C . -12.95 -4.12 -10.56
C3 NAG C . -14.48 -4.15 -10.51
C4 NAG C . -14.99 -4.85 -9.25
C5 NAG C . -14.19 -4.34 -8.01
C6 NAG C . -14.54 -5.09 -6.73
C7 NAG C . -11.44 -3.86 -12.51
C8 NAG C . -11.02 -3.00 -13.66
N2 NAG C . -12.46 -3.44 -11.75
O3 NAG C . -14.88 -4.82 -11.70
O4 NAG C . -16.35 -4.55 -8.91
O5 NAG C . -12.80 -4.40 -8.18
O6 NAG C . -14.16 -6.44 -6.86
O7 NAG C . -10.79 -4.90 -12.32
C1 NAG C . -17.60 -5.16 -9.44
C2 NAG C . -17.65 -5.63 -10.92
C3 NAG C . -18.90 -6.44 -11.28
C4 NAG C . -19.46 -7.26 -10.13
C5 NAG C . -19.61 -6.36 -8.92
C6 NAG C . -20.58 -6.99 -7.87
C7 NAG C . -18.28 -4.39 -13.01
C8 NAG C . -19.54 -3.58 -13.08
N2 NAG C . -17.65 -4.47 -11.82
O3 NAG C . -18.64 -7.29 -12.40
O4 NAG C . -20.71 -7.75 -10.55
O5 NAG C . -18.29 -5.99 -8.50
O6 NAG C . -19.97 -7.56 -6.72
O7 NAG C . -17.86 -4.93 -14.05
C1 NAG D . -1.32 14.70 -14.63
C2 NAG D . -1.46 14.24 -16.08
C3 NAG D . -0.22 13.54 -16.59
C4 NAG D . 1.06 14.30 -16.24
C5 NAG D . 1.04 14.68 -14.77
C6 NAG D . 2.31 15.46 -14.36
C7 NAG D . -3.56 13.64 -17.20
C8 NAG D . -4.97 13.23 -16.92
N2 NAG D . -2.62 13.37 -16.28
O3 NAG D . -0.29 13.49 -18.01
O4 NAG D . 2.15 13.47 -16.51
O5 NAG D . -0.13 15.43 -14.53
O6 NAG D . 2.54 16.51 -15.27
O7 NAG D . -3.27 14.21 -18.24
C1 NAG E . 16.35 -39.41 -5.01
C2 NAG E . 16.43 -38.87 -3.56
C3 NAG E . 17.82 -39.23 -3.00
C4 NAG E . 18.09 -40.74 -3.11
C5 NAG E . 17.87 -41.20 -4.56
C6 NAG E . 18.05 -42.71 -4.72
C7 NAG E . 15.29 -36.85 -2.67
C8 NAG E . 15.13 -35.35 -2.76
N2 NAG E . 16.21 -37.43 -3.48
O3 NAG E . 17.97 -38.76 -1.68
O4 NAG E . 19.40 -41.09 -2.64
O5 NAG E . 16.59 -40.83 -5.02
O6 NAG E . 17.06 -43.44 -4.01
O7 NAG E . 14.59 -37.47 -1.89
MG MG F . 5.72 -29.98 -15.68
#